data_7B1X
#
_entry.id   7B1X
#
_cell.length_a   103.800
_cell.length_b   98.400
_cell.length_c   75.200
_cell.angle_alpha   90.000
_cell.angle_beta   128.100
_cell.angle_gamma   90.000
#
_symmetry.space_group_name_H-M   'C 1 2 1'
#
loop_
_entity.id
_entity.type
_entity.pdbx_description
1 polymer 'esterase PMGL3'
2 water water
#
_entity_poly.entity_id   1
_entity_poly.type   'polypeptide(L)'
_entity_poly.pdbx_seq_one_letter_code
;MNGNDPDIAGFKQQLVQMTAMRESQPPSIEIERQMFDAQHGAVPPAEGCLIEPISTGGVRGERITPKSADTSKALIYFHG
GGHLFGSALSHRHLVSRLAAAAGVVAYNMEYRLAPENPYPAGLDDAEQAYRFVLAQGFKPEDIIVAGESAGGNLAAALLL
KLRDQDLPQPAGAYLLSPWLDMSQSGASYEARGPHDPMITHNALTGCSAAYRAGASAEDPLISPAKADLADLPSLFIQVG
ADEVLLSDSVEFTRRAALAGLDVRLHVWANMVHAWPLFHFALPVSGLAAIDEAGAWISRQLGGHLEHHHHHH
;
_entity_poly.pdbx_strand_id   A,B
#
# COMPACT_ATOMS: atom_id res chain seq x y z
N MET A 1 20.97 -4.71 12.72
CA MET A 1 20.81 -3.93 14.00
C MET A 1 20.41 -2.51 13.68
N ASN A 2 19.69 -1.87 14.63
CA ASN A 2 19.45 -0.43 14.70
C ASN A 2 18.65 0.07 13.49
N GLY A 3 17.86 -0.79 12.83
CA GLY A 3 16.95 -0.37 11.77
C GLY A 3 17.42 -0.72 10.36
N ASN A 4 18.70 -1.13 10.22
CA ASN A 4 19.24 -1.66 8.97
C ASN A 4 19.34 -3.18 9.00
N ASP A 5 19.23 -3.78 7.80
CA ASP A 5 19.31 -5.22 7.66
C ASP A 5 20.78 -5.59 7.41
N PRO A 6 21.49 -6.24 8.36
CA PRO A 6 22.93 -6.50 8.19
C PRO A 6 23.19 -7.65 7.21
N ASP A 7 22.13 -8.32 6.70
CA ASP A 7 22.31 -9.51 5.87
C ASP A 7 21.97 -9.31 4.41
N ILE A 8 21.20 -8.24 4.10
CA ILE A 8 20.69 -8.10 2.73
C ILE A 8 21.84 -7.97 1.74
N ALA A 9 22.86 -7.13 2.09
CA ALA A 9 23.95 -6.88 1.16
C ALA A 9 24.63 -8.21 0.80
N GLY A 10 24.98 -9.03 1.82
CA GLY A 10 25.60 -10.33 1.65
C GLY A 10 24.73 -11.30 0.87
N PHE A 11 23.42 -11.25 1.13
CA PHE A 11 22.50 -12.22 0.56
C PHE A 11 22.31 -11.91 -0.92
N LYS A 12 22.28 -10.62 -1.25
CA LYS A 12 22.18 -10.16 -2.62
C LYS A 12 23.34 -10.69 -3.46
N GLN A 13 24.58 -10.60 -2.94
CA GLN A 13 25.77 -11.09 -3.65
C GLN A 13 25.68 -12.60 -3.80
N GLN A 14 25.20 -13.31 -2.76
CA GLN A 14 25.03 -14.75 -2.93
C GLN A 14 24.07 -15.04 -4.06
N LEU A 15 22.97 -14.26 -4.16
CA LEU A 15 21.97 -14.39 -5.21
C LEU A 15 22.59 -14.09 -6.58
N VAL A 16 23.54 -13.14 -6.68
CA VAL A 16 24.09 -12.70 -7.98
C VAL A 16 24.86 -13.87 -8.61
N GLN A 17 25.73 -14.48 -7.80
CA GLN A 17 26.56 -15.63 -8.17
C GLN A 17 25.70 -16.85 -8.48
N MET A 18 24.67 -17.05 -7.66
CA MET A 18 23.74 -18.14 -7.82
C MET A 18 23.01 -18.07 -9.16
N THR A 19 22.43 -16.89 -9.49
CA THR A 19 21.74 -16.56 -10.74
C THR A 19 22.65 -16.73 -11.96
N ALA A 20 23.91 -16.24 -11.89
CA ALA A 20 24.94 -16.37 -12.93
C ALA A 20 25.20 -17.85 -13.29
N MET A 21 25.29 -18.72 -12.27
CA MET A 21 25.36 -20.16 -12.41
C MET A 21 24.12 -20.74 -13.08
N ARG A 22 22.90 -20.50 -12.57
CA ARG A 22 21.68 -21.03 -13.16
C ARG A 22 21.40 -20.47 -14.58
N GLU A 23 21.95 -19.29 -14.93
CA GLU A 23 21.73 -18.68 -16.24
C GLU A 23 22.57 -19.42 -17.28
N SER A 24 23.84 -19.68 -16.92
CA SER A 24 24.80 -20.43 -17.72
C SER A 24 24.46 -21.91 -17.85
N GLN A 25 23.75 -22.51 -16.87
CA GLN A 25 23.58 -23.95 -16.82
C GLN A 25 22.16 -24.32 -16.33
N PRO A 26 21.12 -24.32 -17.22
CA PRO A 26 19.72 -24.52 -16.80
C PRO A 26 19.43 -25.95 -16.31
N PRO A 27 19.30 -26.20 -14.97
CA PRO A 27 19.37 -27.57 -14.41
C PRO A 27 18.09 -28.41 -14.53
N SER A 28 18.12 -29.68 -14.07
CA SER A 28 16.94 -30.54 -14.13
C SER A 28 15.81 -30.01 -13.26
N ILE A 29 14.55 -30.18 -13.69
CA ILE A 29 13.43 -29.74 -12.87
C ILE A 29 13.31 -30.65 -11.63
N GLU A 30 13.36 -31.98 -11.86
CA GLU A 30 13.23 -33.02 -10.83
C GLU A 30 14.36 -32.88 -9.81
N ILE A 31 15.51 -32.43 -10.29
CA ILE A 31 16.69 -32.21 -9.47
C ILE A 31 16.51 -30.95 -8.61
N GLU A 32 15.99 -29.87 -9.22
CA GLU A 32 15.83 -28.62 -8.49
C GLU A 32 14.70 -28.71 -7.47
N ARG A 33 13.70 -29.58 -7.70
CA ARG A 33 12.65 -29.85 -6.74
C ARG A 33 13.21 -30.47 -5.48
N GLN A 34 14.17 -31.40 -5.60
CA GLN A 34 14.70 -32.12 -4.46
C GLN A 34 15.55 -31.17 -3.64
N MET A 35 16.41 -30.42 -4.31
CA MET A 35 17.36 -29.51 -3.69
C MET A 35 16.63 -28.35 -3.02
N PHE A 36 15.47 -27.96 -3.58
CA PHE A 36 14.58 -26.94 -3.04
C PHE A 36 13.94 -27.48 -1.76
N ASP A 37 13.37 -28.70 -1.84
CA ASP A 37 12.77 -29.39 -0.72
C ASP A 37 13.78 -29.59 0.40
N ALA A 38 15.02 -29.93 0.01
CA ALA A 38 16.11 -30.29 0.92
C ALA A 38 16.54 -29.10 1.76
N GLN A 39 16.75 -27.95 1.11
CA GLN A 39 17.16 -26.71 1.73
C GLN A 39 16.06 -26.17 2.65
N HIS A 40 14.82 -26.12 2.15
CA HIS A 40 13.74 -25.44 2.82
C HIS A 40 13.13 -26.33 3.91
N GLY A 41 13.00 -27.63 3.63
CA GLY A 41 12.55 -28.65 4.58
C GLY A 41 13.46 -28.73 5.79
N ALA A 42 14.67 -28.19 5.67
CA ALA A 42 15.63 -28.28 6.76
C ALA A 42 15.52 -27.05 7.68
N VAL A 43 14.69 -26.06 7.28
CA VAL A 43 14.48 -24.88 8.09
C VAL A 43 13.48 -25.23 9.18
N PRO A 44 13.84 -25.07 10.48
CA PRO A 44 12.88 -25.31 11.56
C PRO A 44 11.55 -24.57 11.41
N PRO A 45 10.43 -25.28 11.65
CA PRO A 45 9.11 -24.64 11.66
C PRO A 45 9.02 -23.63 12.81
N ALA A 46 7.96 -22.80 12.75
CA ALA A 46 7.63 -21.92 13.86
C ALA A 46 7.51 -22.77 15.12
N GLU A 47 8.00 -22.23 16.23
CA GLU A 47 7.86 -22.90 17.52
C GLU A 47 6.36 -23.09 17.87
N GLY A 48 6.02 -24.26 18.41
CA GLY A 48 4.75 -24.44 19.12
C GLY A 48 3.58 -24.72 18.19
N CYS A 49 3.81 -25.48 17.10
CA CYS A 49 2.75 -25.65 16.14
C CYS A 49 2.49 -27.13 16.11
N LEU A 50 1.24 -27.59 15.91
CA LEU A 50 0.95 -28.97 15.57
C LEU A 50 0.69 -29.06 14.07
N ILE A 51 1.37 -30.01 13.40
CA ILE A 51 1.27 -30.20 11.97
C ILE A 51 0.64 -31.57 11.66
N GLU A 52 -0.49 -31.58 10.95
CA GLU A 52 -1.13 -32.83 10.56
C GLU A 52 -1.21 -32.88 9.05
N PRO A 53 -0.68 -33.95 8.42
CA PRO A 53 -0.80 -34.11 6.96
C PRO A 53 -2.26 -34.26 6.51
N ILE A 54 -2.57 -33.85 5.28
CA ILE A 54 -3.88 -34.04 4.68
C ILE A 54 -3.69 -34.82 3.38
N SER A 55 -4.54 -35.84 3.24
CA SER A 55 -4.53 -36.73 2.07
C SER A 55 -5.92 -37.34 1.91
N THR A 56 -6.82 -36.65 1.21
CA THR A 56 -8.18 -37.14 1.06
C THR A 56 -8.69 -36.57 -0.26
N GLY A 57 -9.11 -37.47 -1.14
CA GLY A 57 -9.70 -37.13 -2.43
C GLY A 57 -8.78 -36.27 -3.31
N GLY A 58 -7.49 -36.66 -3.38
CA GLY A 58 -6.52 -35.95 -4.21
C GLY A 58 -6.14 -34.57 -3.69
N VAL A 59 -6.85 -34.06 -2.64
CA VAL A 59 -6.47 -32.91 -1.81
C VAL A 59 -5.36 -33.30 -0.84
N ARG A 60 -4.23 -32.59 -0.87
CA ARG A 60 -3.00 -32.92 -0.16
C ARG A 60 -2.33 -31.67 0.40
N GLY A 61 -1.87 -31.79 1.65
CA GLY A 61 -1.10 -30.74 2.29
C GLY A 61 -0.95 -31.06 3.77
N GLU A 62 -1.13 -30.02 4.60
CA GLU A 62 -0.81 -30.03 6.02
C GLU A 62 -1.67 -28.96 6.67
N ARG A 63 -2.28 -29.33 7.81
CA ARG A 63 -2.85 -28.38 8.74
C ARG A 63 -1.79 -27.98 9.76
N ILE A 64 -1.49 -26.71 9.80
CA ILE A 64 -0.59 -26.18 10.81
C ILE A 64 -1.43 -25.45 11.86
N THR A 65 -1.43 -25.98 13.12
CA THR A 65 -2.11 -25.30 14.21
C THR A 65 -1.08 -24.74 15.20
N PRO A 66 -0.85 -23.41 15.20
CA PRO A 66 -0.19 -22.74 16.33
C PRO A 66 -1.07 -22.99 17.56
N LYS A 67 -0.39 -23.37 18.64
CA LYS A 67 -1.09 -23.71 19.87
C LYS A 67 -1.82 -22.49 20.41
N SER A 68 -1.45 -21.26 20.03
CA SER A 68 -2.11 -20.06 20.55
C SER A 68 -3.22 -19.66 19.63
N ALA A 69 -3.39 -20.35 18.50
CA ALA A 69 -4.23 -19.82 17.45
C ALA A 69 -5.70 -19.97 17.84
N ASP A 70 -6.51 -19.22 17.10
CA ASP A 70 -7.95 -19.38 17.04
C ASP A 70 -8.26 -20.40 15.93
N THR A 71 -8.82 -21.56 16.32
CA THR A 71 -8.92 -22.72 15.46
C THR A 71 -10.16 -22.61 14.56
N SER A 72 -10.96 -21.55 14.74
CA SER A 72 -12.07 -21.26 13.86
C SER A 72 -11.65 -20.36 12.68
N LYS A 73 -10.37 -19.97 12.62
CA LYS A 73 -9.83 -19.07 11.61
C LYS A 73 -8.75 -19.79 10.79
N ALA A 74 -8.77 -19.61 9.46
CA ALA A 74 -7.88 -20.34 8.56
C ALA A 74 -7.20 -19.45 7.52
N LEU A 75 -5.87 -19.65 7.40
CA LEU A 75 -5.07 -19.18 6.29
C LEU A 75 -4.87 -20.36 5.32
N ILE A 76 -5.25 -20.17 4.04
CA ILE A 76 -4.91 -21.17 3.02
C ILE A 76 -3.75 -20.58 2.23
N TYR A 77 -2.61 -21.27 2.32
CA TYR A 77 -1.39 -20.85 1.67
C TYR A 77 -0.99 -21.79 0.53
N PHE A 78 -0.67 -21.21 -0.63
CA PHE A 78 -0.09 -21.95 -1.75
C PHE A 78 1.35 -21.53 -1.96
N HIS A 79 2.28 -22.45 -1.80
CA HIS A 79 3.70 -22.19 -2.07
C HIS A 79 3.87 -21.65 -3.51
N GLY A 80 4.96 -20.89 -3.69
CA GLY A 80 5.42 -20.54 -5.02
C GLY A 80 6.48 -21.52 -5.51
N GLY A 81 7.25 -21.12 -6.54
CA GLY A 81 8.16 -22.08 -7.15
C GLY A 81 8.01 -22.11 -8.69
N GLY A 82 7.51 -21.01 -9.25
CA GLY A 82 7.32 -20.88 -10.68
C GLY A 82 6.33 -21.89 -11.25
N HIS A 83 5.44 -22.52 -10.49
CA HIS A 83 4.65 -23.66 -10.95
C HIS A 83 5.52 -24.84 -11.41
N LEU A 84 6.83 -24.80 -11.11
CA LEU A 84 7.72 -25.90 -11.44
C LEU A 84 8.11 -26.66 -10.16
N PHE A 85 8.36 -25.96 -9.07
CA PHE A 85 8.78 -26.66 -7.87
C PHE A 85 8.10 -26.09 -6.61
N GLY A 86 8.64 -26.46 -5.45
CA GLY A 86 8.04 -26.13 -4.15
C GLY A 86 7.03 -27.20 -3.70
N SER A 87 6.72 -27.22 -2.40
CA SER A 87 5.76 -28.12 -1.81
C SER A 87 5.37 -27.54 -0.45
N ALA A 88 4.31 -28.13 0.16
CA ALA A 88 4.04 -27.99 1.57
C ALA A 88 5.33 -28.11 2.40
N LEU A 89 6.06 -29.21 2.23
CA LEU A 89 7.30 -29.44 2.97
C LEU A 89 8.19 -28.21 2.90
N SER A 90 8.45 -27.67 1.71
CA SER A 90 9.43 -26.60 1.55
C SER A 90 8.96 -25.31 2.19
N HIS A 91 7.64 -25.07 2.20
CA HIS A 91 7.17 -23.76 2.66
C HIS A 91 6.64 -23.79 4.09
N ARG A 92 6.66 -25.00 4.70
CA ARG A 92 6.24 -25.21 6.06
C ARG A 92 6.87 -24.13 6.94
N HIS A 93 8.20 -23.94 6.83
CA HIS A 93 8.89 -22.98 7.67
C HIS A 93 8.33 -21.55 7.57
N LEU A 94 7.82 -21.16 6.38
CA LEU A 94 7.26 -19.83 6.23
C LEU A 94 5.81 -19.85 6.68
N VAL A 95 5.00 -20.83 6.25
CA VAL A 95 3.57 -20.82 6.50
C VAL A 95 3.29 -20.99 7.99
N SER A 96 4.11 -21.78 8.67
CA SER A 96 4.00 -21.97 10.10
C SER A 96 4.20 -20.63 10.82
N ARG A 97 5.26 -19.91 10.43
CA ARG A 97 5.58 -18.60 10.96
C ARG A 97 4.45 -17.61 10.71
N LEU A 98 3.88 -17.60 9.50
CA LEU A 98 2.77 -16.71 9.22
C LEU A 98 1.56 -17.07 10.09
N ALA A 99 1.26 -18.39 10.22
CA ALA A 99 0.16 -18.84 11.07
C ALA A 99 0.31 -18.38 12.54
N ALA A 100 1.51 -18.65 13.09
CA ALA A 100 1.82 -18.33 14.47
C ALA A 100 1.74 -16.82 14.67
N ALA A 101 2.15 -16.03 13.66
CA ALA A 101 2.10 -14.59 13.77
C ALA A 101 0.66 -14.13 13.72
N ALA A 102 -0.15 -14.76 12.88
CA ALA A 102 -1.53 -14.31 12.76
C ALA A 102 -2.45 -14.89 13.84
N GLY A 103 -1.99 -15.96 14.52
CA GLY A 103 -2.85 -16.61 15.52
C GLY A 103 -4.00 -17.38 14.88
N VAL A 104 -3.77 -17.96 13.67
CA VAL A 104 -4.79 -18.72 12.95
C VAL A 104 -4.20 -20.06 12.56
N VAL A 105 -5.08 -21.00 12.23
CA VAL A 105 -4.71 -22.27 11.60
C VAL A 105 -4.28 -21.97 10.14
N ALA A 106 -3.20 -22.65 9.69
CA ALA A 106 -2.81 -22.61 8.28
C ALA A 106 -3.10 -23.92 7.57
N TYR A 107 -3.73 -23.84 6.38
CA TYR A 107 -3.74 -24.95 5.45
C TYR A 107 -2.67 -24.75 4.39
N ASN A 108 -1.59 -25.52 4.56
CA ASN A 108 -0.42 -25.45 3.71
C ASN A 108 -0.55 -26.47 2.57
N MET A 109 -1.03 -26.06 1.39
CA MET A 109 -1.64 -26.98 0.43
C MET A 109 -0.74 -27.22 -0.78
N GLU A 110 -0.80 -28.45 -1.32
CA GLU A 110 -0.02 -28.88 -2.47
C GLU A 110 -0.83 -28.55 -3.70
N TYR A 111 -0.26 -28.61 -4.89
CA TYR A 111 -1.07 -28.52 -6.10
C TYR A 111 -0.19 -29.06 -7.23
N ARG A 112 -0.80 -29.54 -8.29
CA ARG A 112 -0.02 -30.20 -9.35
C ARG A 112 0.82 -29.17 -10.12
N LEU A 113 1.98 -29.64 -10.56
CA LEU A 113 3.00 -28.73 -11.06
C LEU A 113 3.20 -29.01 -12.54
N ALA A 114 3.64 -27.99 -13.29
CA ALA A 114 4.20 -28.11 -14.64
C ALA A 114 5.64 -28.60 -14.56
N PRO A 115 6.25 -29.26 -15.62
CA PRO A 115 5.62 -29.48 -16.92
C PRO A 115 4.57 -30.60 -16.93
N GLU A 116 4.61 -31.55 -15.96
CA GLU A 116 3.73 -32.72 -15.97
C GLU A 116 2.26 -32.29 -16.03
N ASN A 117 1.88 -31.23 -15.27
CA ASN A 117 0.49 -30.80 -15.20
C ASN A 117 0.45 -29.29 -15.44
N PRO A 118 0.28 -28.89 -16.73
CA PRO A 118 0.11 -27.49 -17.11
C PRO A 118 -1.25 -26.98 -16.67
N TYR A 119 -1.45 -25.66 -16.81
CA TYR A 119 -2.75 -25.04 -16.57
C TYR A 119 -3.84 -25.88 -17.25
N PRO A 120 -5.05 -26.14 -16.67
CA PRO A 120 -5.45 -25.63 -15.36
C PRO A 120 -5.26 -26.59 -14.19
N ALA A 121 -4.25 -27.47 -14.20
CA ALA A 121 -4.21 -28.51 -13.18
C ALA A 121 -4.07 -27.93 -11.75
N GLY A 122 -3.08 -27.04 -11.57
CA GLY A 122 -2.81 -26.31 -10.34
C GLY A 122 -4.06 -25.60 -9.78
N LEU A 123 -4.73 -24.89 -10.67
CA LEU A 123 -5.84 -24.03 -10.31
C LEU A 123 -7.07 -24.84 -9.89
N ASP A 124 -7.31 -25.98 -10.58
CA ASP A 124 -8.35 -26.92 -10.20
C ASP A 124 -8.07 -27.43 -8.79
N ASP A 125 -6.80 -27.74 -8.50
CA ASP A 125 -6.33 -28.15 -7.19
C ASP A 125 -6.60 -27.06 -6.15
N ALA A 126 -6.31 -25.81 -6.48
CA ALA A 126 -6.44 -24.72 -5.53
C ALA A 126 -7.91 -24.57 -5.15
N GLU A 127 -8.78 -24.68 -6.16
CA GLU A 127 -10.21 -24.61 -5.91
C GLU A 127 -10.68 -25.76 -5.01
N GLN A 128 -10.23 -26.99 -5.33
CA GLN A 128 -10.52 -28.16 -4.52
C GLN A 128 -9.93 -28.00 -3.10
N ALA A 129 -8.76 -27.36 -2.96
CA ALA A 129 -8.16 -27.13 -1.64
C ALA A 129 -9.09 -26.22 -0.83
N TYR A 130 -9.67 -25.24 -1.51
CA TYR A 130 -10.51 -24.23 -0.90
C TYR A 130 -11.82 -24.90 -0.48
N ARG A 131 -12.38 -25.76 -1.36
CA ARG A 131 -13.60 -26.47 -1.05
C ARG A 131 -13.37 -27.35 0.18
N PHE A 132 -12.18 -27.95 0.24
CA PHE A 132 -11.83 -28.86 1.32
C PHE A 132 -11.91 -28.10 2.66
N VAL A 133 -11.38 -26.86 2.65
CA VAL A 133 -11.30 -26.03 3.83
C VAL A 133 -12.69 -25.61 4.29
N LEU A 134 -13.51 -25.07 3.37
CA LEU A 134 -14.92 -24.77 3.64
C LEU A 134 -15.62 -25.98 4.29
N ALA A 135 -15.38 -27.18 3.72
CA ALA A 135 -15.93 -28.42 4.24
C ALA A 135 -15.43 -28.78 5.63
N GLN A 136 -14.34 -28.19 6.12
CA GLN A 136 -13.94 -28.41 7.51
C GLN A 136 -14.77 -27.55 8.46
N GLY A 137 -15.74 -26.82 7.90
CA GLY A 137 -16.59 -25.98 8.73
C GLY A 137 -16.04 -24.57 8.93
N PHE A 138 -15.08 -24.11 8.12
CA PHE A 138 -14.71 -22.70 8.07
C PHE A 138 -15.65 -21.96 7.13
N LYS A 139 -16.31 -20.87 7.57
CA LYS A 139 -17.09 -20.00 6.69
C LYS A 139 -16.15 -19.16 5.80
N PRO A 140 -16.58 -18.67 4.60
CA PRO A 140 -15.70 -17.81 3.78
C PRO A 140 -15.01 -16.66 4.50
N GLU A 141 -15.72 -15.98 5.43
CA GLU A 141 -15.28 -14.85 6.23
C GLU A 141 -14.19 -15.23 7.21
N ASP A 142 -13.97 -16.54 7.41
CA ASP A 142 -12.98 -17.08 8.32
C ASP A 142 -11.72 -17.57 7.58
N ILE A 143 -11.62 -17.24 6.28
CA ILE A 143 -10.51 -17.63 5.39
C ILE A 143 -9.79 -16.41 4.78
N ILE A 144 -8.46 -16.41 4.90
CA ILE A 144 -7.59 -15.64 4.03
C ILE A 144 -6.92 -16.63 3.11
N VAL A 145 -6.91 -16.31 1.80
CA VAL A 145 -6.08 -17.13 0.93
C VAL A 145 -4.76 -16.38 0.69
N ALA A 146 -3.68 -17.12 0.46
CA ALA A 146 -2.39 -16.48 0.30
C ALA A 146 -1.46 -17.37 -0.55
N GLY A 147 -0.32 -16.81 -0.95
CA GLY A 147 0.75 -17.55 -1.62
C GLY A 147 1.74 -16.50 -2.08
N GLU A 148 2.97 -16.89 -2.32
CA GLU A 148 3.99 -16.01 -2.91
C GLU A 148 4.32 -16.44 -4.34
N SER A 149 4.84 -15.49 -5.14
CA SER A 149 5.14 -15.70 -6.57
C SER A 149 4.04 -16.52 -7.27
N ALA A 150 4.35 -17.74 -7.69
CA ALA A 150 3.42 -18.64 -8.36
C ALA A 150 2.20 -18.98 -7.49
N GLY A 151 2.42 -19.10 -6.18
CA GLY A 151 1.36 -19.33 -5.20
C GLY A 151 0.44 -18.11 -5.14
N GLY A 152 1.05 -16.92 -5.24
CA GLY A 152 0.39 -15.63 -5.40
C GLY A 152 -0.45 -15.59 -6.66
N ASN A 153 0.10 -16.20 -7.75
CA ASN A 153 -0.59 -16.42 -9.02
C ASN A 153 -1.84 -17.27 -8.78
N LEU A 154 -1.70 -18.42 -8.08
CA LEU A 154 -2.83 -19.30 -7.81
C LEU A 154 -3.86 -18.62 -6.90
N ALA A 155 -3.39 -17.98 -5.85
CA ALA A 155 -4.27 -17.37 -4.86
C ALA A 155 -5.17 -16.37 -5.58
N ALA A 156 -4.58 -15.48 -6.39
CA ALA A 156 -5.31 -14.44 -7.12
C ALA A 156 -6.23 -15.08 -8.18
N ALA A 157 -5.73 -16.12 -8.86
CA ALA A 157 -6.56 -16.81 -9.83
C ALA A 157 -7.77 -17.45 -9.15
N LEU A 158 -7.56 -18.07 -7.97
CA LEU A 158 -8.65 -18.72 -7.26
C LEU A 158 -9.81 -17.75 -7.05
N LEU A 159 -9.49 -16.49 -6.70
CA LEU A 159 -10.50 -15.50 -6.36
C LEU A 159 -11.34 -15.25 -7.62
N LEU A 160 -10.62 -15.18 -8.80
CA LEU A 160 -11.30 -14.98 -10.07
C LEU A 160 -12.18 -16.19 -10.38
N LYS A 161 -11.69 -17.38 -10.03
CA LYS A 161 -12.40 -18.64 -10.27
C LYS A 161 -13.68 -18.68 -9.45
N LEU A 162 -13.58 -18.25 -8.20
CA LEU A 162 -14.72 -18.16 -7.31
C LEU A 162 -15.73 -17.15 -7.84
N ARG A 163 -15.28 -16.03 -8.41
CA ARG A 163 -16.22 -15.05 -8.95
C ARG A 163 -16.97 -15.65 -10.14
N ASP A 164 -16.25 -16.28 -11.09
CA ASP A 164 -16.84 -16.94 -12.27
C ASP A 164 -17.92 -17.94 -11.86
N GLN A 165 -17.62 -18.80 -10.88
CA GLN A 165 -18.54 -19.83 -10.40
C GLN A 165 -19.57 -19.27 -9.44
N ASP A 166 -19.75 -17.94 -9.42
CA ASP A 166 -20.72 -17.21 -8.63
C ASP A 166 -20.69 -17.63 -7.14
N LEU A 167 -19.51 -17.97 -6.61
CA LEU A 167 -19.30 -18.50 -5.26
C LEU A 167 -18.78 -17.40 -4.30
N PRO A 168 -19.06 -17.45 -2.97
CA PRO A 168 -18.66 -16.35 -2.07
C PRO A 168 -17.14 -16.36 -1.93
N GLN A 169 -16.58 -15.13 -1.84
CA GLN A 169 -15.15 -14.84 -1.69
C GLN A 169 -14.69 -15.09 -0.24
N PRO A 170 -13.42 -15.47 0.00
CA PRO A 170 -12.87 -15.49 1.36
C PRO A 170 -12.80 -14.07 1.97
N ALA A 171 -12.33 -13.94 3.23
CA ALA A 171 -12.30 -12.62 3.87
C ALA A 171 -11.25 -11.71 3.25
N GLY A 172 -10.30 -12.28 2.56
CA GLY A 172 -9.18 -11.49 2.11
C GLY A 172 -8.18 -12.35 1.36
N ALA A 173 -7.18 -11.69 0.76
CA ALA A 173 -6.06 -12.45 0.24
C ALA A 173 -4.77 -11.70 0.54
N TYR A 174 -3.76 -12.47 0.98
CA TYR A 174 -2.41 -11.97 1.24
C TYR A 174 -1.47 -12.45 0.11
N LEU A 175 -0.94 -11.52 -0.72
CA LEU A 175 -0.06 -11.86 -1.84
C LEU A 175 1.35 -11.35 -1.60
N LEU A 176 2.34 -12.26 -1.60
CA LEU A 176 3.74 -11.91 -1.39
C LEU A 176 4.48 -12.00 -2.73
N SER A 177 5.12 -10.91 -3.24
CA SER A 177 5.76 -10.92 -4.58
C SER A 177 4.95 -11.75 -5.61
N PRO A 178 3.63 -11.54 -5.79
CA PRO A 178 2.84 -12.45 -6.61
C PRO A 178 3.23 -12.25 -8.08
N TRP A 179 3.04 -13.32 -8.85
CA TRP A 179 3.37 -13.24 -10.27
C TRP A 179 2.04 -13.29 -11.02
N LEU A 180 1.65 -12.14 -11.58
CA LEU A 180 0.24 -11.95 -11.92
C LEU A 180 0.10 -11.67 -13.39
N ASP A 181 1.21 -11.57 -14.09
CA ASP A 181 1.22 -11.35 -15.53
C ASP A 181 2.22 -12.34 -16.12
N MET A 182 1.68 -13.39 -16.72
CA MET A 182 2.54 -14.44 -17.27
C MET A 182 2.99 -14.10 -18.69
N SER A 183 2.79 -12.86 -19.12
CA SER A 183 3.45 -12.37 -20.32
C SER A 183 4.72 -11.53 -20.03
N GLN A 184 5.10 -11.31 -18.74
CA GLN A 184 6.29 -10.54 -18.35
C GLN A 184 6.27 -9.12 -18.91
N SER A 185 5.25 -8.35 -18.50
CA SER A 185 5.16 -6.94 -18.90
C SER A 185 5.22 -6.04 -17.66
N GLY A 186 5.94 -4.93 -17.78
CA GLY A 186 5.87 -3.89 -16.79
C GLY A 186 7.16 -3.09 -16.78
N ALA A 187 7.04 -1.82 -16.41
CA ALA A 187 8.16 -0.90 -16.27
C ALA A 187 9.28 -1.53 -15.45
N SER A 188 8.93 -2.42 -14.50
CA SER A 188 9.87 -2.89 -13.49
C SER A 188 10.93 -3.86 -14.05
N TYR A 189 10.61 -4.66 -15.09
CA TYR A 189 11.60 -5.47 -15.84
C TYR A 189 12.85 -4.65 -16.18
N GLU A 190 12.61 -3.48 -16.75
CA GLU A 190 13.71 -2.62 -17.17
C GLU A 190 14.21 -1.88 -15.94
N ALA A 191 13.27 -1.26 -15.19
CA ALA A 191 13.61 -0.30 -14.15
C ALA A 191 14.22 -1.04 -12.96
N ARG A 192 13.73 -2.25 -12.64
CA ARG A 192 14.20 -2.91 -11.42
C ARG A 192 15.19 -4.03 -11.72
N GLY A 193 15.24 -4.45 -12.99
CA GLY A 193 16.01 -5.59 -13.49
C GLY A 193 17.46 -5.56 -13.03
N PRO A 194 18.20 -4.44 -13.17
CA PRO A 194 19.56 -4.35 -12.62
C PRO A 194 19.61 -4.50 -11.10
N HIS A 195 18.47 -4.36 -10.38
CA HIS A 195 18.49 -4.43 -8.92
C HIS A 195 17.96 -5.77 -8.43
N ASP A 196 17.41 -6.57 -9.36
CA ASP A 196 16.79 -7.83 -9.00
C ASP A 196 17.82 -8.92 -9.20
N PRO A 197 18.47 -9.42 -8.12
CA PRO A 197 19.48 -10.47 -8.29
C PRO A 197 18.91 -11.88 -8.38
N MET A 198 17.59 -12.03 -8.29
CA MET A 198 17.08 -13.39 -8.07
C MET A 198 16.25 -13.83 -9.24
N ILE A 199 15.42 -12.92 -9.77
CA ILE A 199 14.41 -13.21 -10.77
C ILE A 199 14.76 -12.45 -12.06
N THR A 200 14.82 -13.20 -13.18
CA THR A 200 15.19 -12.62 -14.47
C THR A 200 13.97 -12.77 -15.36
N HIS A 201 13.88 -11.88 -16.40
CA HIS A 201 12.88 -11.99 -17.46
C HIS A 201 12.90 -13.39 -18.10
N ASN A 202 14.11 -13.89 -18.40
CA ASN A 202 14.32 -15.19 -19.03
C ASN A 202 13.70 -16.29 -18.16
N ALA A 203 13.97 -16.33 -16.82
CA ALA A 203 13.43 -17.38 -15.95
C ALA A 203 11.90 -17.43 -16.04
N LEU A 204 11.26 -16.28 -15.90
CA LEU A 204 9.80 -16.20 -15.89
C LEU A 204 9.26 -16.65 -17.25
N THR A 205 9.93 -16.23 -18.34
CA THR A 205 9.52 -16.63 -19.68
C THR A 205 9.40 -18.14 -19.77
N GLY A 206 10.43 -18.84 -19.28
CA GLY A 206 10.50 -20.29 -19.22
C GLY A 206 9.46 -20.88 -18.25
N CYS A 207 9.28 -20.23 -17.08
CA CYS A 207 8.32 -20.84 -16.19
C CYS A 207 6.93 -20.73 -16.82
N SER A 208 6.67 -19.57 -17.45
CA SER A 208 5.39 -19.28 -18.08
C SER A 208 5.07 -20.24 -19.23
N ALA A 209 6.08 -20.49 -20.08
CA ALA A 209 5.79 -21.37 -21.21
C ALA A 209 5.42 -22.78 -20.70
N ALA A 210 6.14 -23.26 -19.67
CA ALA A 210 5.89 -24.63 -19.18
C ALA A 210 4.49 -24.68 -18.55
N TYR A 211 4.07 -23.59 -17.90
CA TYR A 211 2.83 -23.63 -17.14
C TYR A 211 1.67 -23.59 -18.11
N ARG A 212 1.79 -22.70 -19.11
CA ARG A 212 0.65 -22.45 -19.98
C ARG A 212 0.47 -23.57 -21.00
N ALA A 213 1.59 -24.16 -21.45
CA ALA A 213 1.63 -25.22 -22.46
C ALA A 213 0.70 -24.85 -23.62
N GLY A 214 1.01 -23.67 -24.22
CA GLY A 214 0.30 -23.09 -25.35
C GLY A 214 -0.96 -22.32 -24.98
N ALA A 215 -1.44 -22.37 -23.71
CA ALA A 215 -2.57 -21.55 -23.28
C ALA A 215 -2.18 -20.09 -23.35
N SER A 216 -3.15 -19.22 -23.65
CA SER A 216 -2.73 -17.84 -23.81
C SER A 216 -2.41 -17.16 -22.47
N ALA A 217 -1.31 -16.38 -22.43
CA ALA A 217 -0.88 -15.48 -21.37
C ALA A 217 -1.94 -14.40 -21.12
N GLU A 218 -2.72 -14.04 -22.15
CA GLU A 218 -3.81 -13.07 -22.03
C GLU A 218 -5.00 -13.57 -21.20
N ASP A 219 -5.06 -14.88 -20.90
CA ASP A 219 -6.21 -15.35 -20.16
C ASP A 219 -6.15 -14.82 -18.73
N PRO A 220 -7.17 -14.09 -18.24
CA PRO A 220 -7.10 -13.54 -16.87
C PRO A 220 -6.86 -14.57 -15.76
N LEU A 221 -7.29 -15.84 -15.96
CA LEU A 221 -7.14 -16.93 -14.98
C LEU A 221 -5.70 -17.37 -14.91
N ILE A 222 -4.92 -17.02 -15.94
CA ILE A 222 -3.50 -17.32 -16.03
C ILE A 222 -2.72 -16.07 -15.58
N SER A 223 -3.21 -14.89 -16.01
CA SER A 223 -2.58 -13.61 -15.75
C SER A 223 -3.56 -12.72 -15.01
N PRO A 224 -3.77 -12.91 -13.66
CA PRO A 224 -4.75 -12.09 -12.89
C PRO A 224 -4.64 -10.56 -12.97
N ALA A 225 -3.43 -10.03 -13.31
CA ALA A 225 -3.26 -8.58 -13.47
C ALA A 225 -3.87 -8.11 -14.80
N LYS A 226 -4.45 -9.06 -15.56
CA LYS A 226 -5.21 -8.74 -16.76
C LYS A 226 -6.70 -8.87 -16.48
N ALA A 227 -7.12 -9.14 -15.25
CA ALA A 227 -8.55 -9.23 -14.99
C ALA A 227 -9.16 -7.90 -14.55
N ASP A 228 -10.48 -7.89 -14.64
CA ASP A 228 -11.28 -6.90 -13.93
C ASP A 228 -11.47 -7.48 -12.54
N LEU A 229 -11.13 -6.68 -11.54
CA LEU A 229 -11.10 -7.23 -10.19
C LEU A 229 -12.38 -6.89 -9.39
N ALA A 230 -13.49 -6.46 -10.06
CA ALA A 230 -14.79 -6.20 -9.43
C ALA A 230 -15.14 -7.34 -8.45
N ASP A 231 -15.45 -6.99 -7.19
CA ASP A 231 -16.08 -7.89 -6.23
C ASP A 231 -15.08 -8.88 -5.60
N LEU A 232 -13.77 -8.72 -5.82
CA LEU A 232 -12.80 -9.52 -5.06
C LEU A 232 -12.77 -9.02 -3.62
N PRO A 233 -12.16 -9.77 -2.65
CA PRO A 233 -12.16 -9.33 -1.25
C PRO A 233 -10.96 -8.41 -1.00
N SER A 234 -10.81 -8.08 0.28
CA SER A 234 -9.76 -7.20 0.72
C SER A 234 -8.41 -7.82 0.42
N LEU A 235 -7.39 -6.98 0.17
CA LEU A 235 -6.10 -7.43 -0.34
C LEU A 235 -4.98 -6.83 0.50
N PHE A 236 -4.00 -7.67 0.79
CA PHE A 236 -2.75 -7.15 1.28
C PHE A 236 -1.65 -7.73 0.41
N ILE A 237 -0.87 -6.84 -0.23
CA ILE A 237 0.25 -7.25 -1.07
C ILE A 237 1.55 -6.68 -0.51
N GLN A 238 2.51 -7.57 -0.33
CA GLN A 238 3.87 -7.24 0.04
C GLN A 238 4.71 -7.53 -1.19
N VAL A 239 5.58 -6.59 -1.59
CA VAL A 239 6.50 -6.86 -2.69
C VAL A 239 7.80 -6.12 -2.37
N GLY A 240 8.95 -6.57 -2.92
CA GLY A 240 10.17 -5.80 -2.71
C GLY A 240 10.34 -4.82 -3.87
N ALA A 241 11.06 -3.72 -3.62
CA ALA A 241 11.33 -2.67 -4.59
C ALA A 241 12.31 -3.21 -5.61
N ASP A 242 13.13 -4.21 -5.18
CA ASP A 242 14.21 -4.68 -6.03
C ASP A 242 13.79 -5.95 -6.79
N GLU A 243 12.67 -5.85 -7.51
CA GLU A 243 11.99 -7.00 -8.09
C GLU A 243 11.49 -6.67 -9.51
N VAL A 244 11.85 -7.52 -10.50
CA VAL A 244 11.25 -7.40 -11.82
C VAL A 244 9.72 -7.57 -11.75
N LEU A 245 9.23 -8.33 -10.79
CA LEU A 245 7.80 -8.58 -10.62
C LEU A 245 7.06 -7.45 -9.90
N LEU A 246 7.76 -6.34 -9.50
CA LEU A 246 7.20 -5.15 -8.85
C LEU A 246 5.94 -4.63 -9.57
N SER A 247 6.09 -4.40 -10.89
CA SER A 247 5.01 -3.88 -11.72
C SER A 247 3.72 -4.71 -11.59
N ASP A 248 3.78 -6.05 -11.52
CA ASP A 248 2.59 -6.89 -11.35
C ASP A 248 1.84 -6.57 -10.05
N SER A 249 2.56 -6.42 -8.94
CA SER A 249 1.97 -6.00 -7.68
C SER A 249 1.31 -4.63 -7.79
N VAL A 250 2.05 -3.61 -8.29
CA VAL A 250 1.44 -2.30 -8.45
C VAL A 250 0.21 -2.33 -9.37
N GLU A 251 0.24 -3.08 -10.47
CA GLU A 251 -0.89 -3.15 -11.40
C GLU A 251 -2.11 -3.83 -10.76
N PHE A 252 -1.86 -4.92 -10.03
CA PHE A 252 -2.97 -5.57 -9.40
C PHE A 252 -3.62 -4.59 -8.39
N THR A 253 -2.78 -3.84 -7.68
CA THR A 253 -3.20 -2.84 -6.72
C THR A 253 -4.08 -1.81 -7.43
N ARG A 254 -3.55 -1.27 -8.53
CA ARG A 254 -4.27 -0.29 -9.31
C ARG A 254 -5.66 -0.81 -9.63
N ARG A 255 -5.71 -2.06 -10.13
CA ARG A 255 -6.97 -2.62 -10.60
C ARG A 255 -7.91 -2.85 -9.44
N ALA A 256 -7.37 -3.36 -8.29
CA ALA A 256 -8.17 -3.61 -7.10
C ALA A 256 -8.79 -2.30 -6.61
N ALA A 257 -7.98 -1.25 -6.57
CA ALA A 257 -8.39 0.07 -6.13
C ALA A 257 -9.49 0.60 -7.07
N LEU A 258 -9.28 0.39 -8.37
CA LEU A 258 -10.18 0.91 -9.39
C LEU A 258 -11.54 0.21 -9.30
N ALA A 259 -11.51 -1.08 -8.90
CA ALA A 259 -12.70 -1.88 -8.66
C ALA A 259 -13.32 -1.53 -7.29
N GLY A 260 -12.69 -0.60 -6.54
CA GLY A 260 -13.29 -0.14 -5.29
C GLY A 260 -12.86 -0.94 -4.04
N LEU A 261 -11.87 -1.82 -4.17
CA LEU A 261 -11.54 -2.76 -3.10
C LEU A 261 -10.67 -2.12 -2.02
N ASP A 262 -10.77 -2.64 -0.79
CA ASP A 262 -9.77 -2.34 0.21
C ASP A 262 -8.47 -3.03 -0.21
N VAL A 263 -7.44 -2.22 -0.45
CA VAL A 263 -6.17 -2.78 -0.88
C VAL A 263 -5.03 -2.06 -0.20
N ARG A 264 -4.19 -2.87 0.40
CA ARG A 264 -2.96 -2.39 1.03
C ARG A 264 -1.78 -2.94 0.25
N LEU A 265 -0.84 -2.05 -0.12
CA LEU A 265 0.39 -2.45 -0.81
C LEU A 265 1.59 -1.92 -0.03
N HIS A 266 2.48 -2.81 0.37
CA HIS A 266 3.73 -2.40 1.00
C HIS A 266 4.89 -2.84 0.11
N VAL A 267 5.52 -1.84 -0.52
CA VAL A 267 6.77 -2.06 -1.26
C VAL A 267 7.92 -1.75 -0.33
N TRP A 268 8.73 -2.78 -0.04
CA TRP A 268 9.84 -2.71 0.91
C TRP A 268 11.10 -2.31 0.14
N ALA A 269 11.75 -1.19 0.57
CA ALA A 269 13.01 -0.78 -0.04
C ALA A 269 14.04 -1.90 0.17
N ASN A 270 14.91 -2.06 -0.83
CA ASN A 270 16.03 -2.99 -0.77
C ASN A 270 15.72 -4.47 -0.76
N MET A 271 14.44 -4.83 -0.82
CA MET A 271 14.10 -6.23 -0.61
C MET A 271 14.02 -6.95 -1.94
N VAL A 272 14.51 -8.18 -1.89
CA VAL A 272 14.50 -9.07 -3.03
C VAL A 272 13.18 -9.82 -2.97
N HIS A 273 12.95 -10.60 -4.03
CA HIS A 273 11.74 -11.39 -4.31
C HIS A 273 11.44 -12.34 -3.18
N ALA A 274 10.20 -12.31 -2.66
CA ALA A 274 9.73 -13.24 -1.63
C ALA A 274 10.69 -13.32 -0.46
N TRP A 275 11.24 -12.16 -0.06
CA TRP A 275 12.24 -12.13 0.97
C TRP A 275 11.77 -12.82 2.26
N PRO A 276 10.46 -12.82 2.66
CA PRO A 276 10.07 -13.54 3.88
C PRO A 276 10.32 -15.04 3.82
N LEU A 277 10.28 -15.60 2.60
CA LEU A 277 10.57 -17.02 2.43
C LEU A 277 12.03 -17.24 2.78
N PHE A 278 12.84 -16.15 2.74
CA PHE A 278 14.27 -16.24 2.98
C PHE A 278 14.69 -15.73 4.36
N HIS A 279 13.77 -15.74 5.32
CA HIS A 279 13.95 -15.27 6.69
C HIS A 279 15.13 -15.95 7.39
N PHE A 280 15.47 -17.17 6.94
CA PHE A 280 16.57 -17.91 7.53
C PHE A 280 17.89 -17.22 7.18
N ALA A 281 17.95 -16.48 6.07
CA ALA A 281 19.11 -15.71 5.65
C ALA A 281 18.91 -14.23 5.97
N LEU A 282 17.66 -13.82 6.06
CA LEU A 282 17.33 -12.41 6.21
C LEU A 282 16.43 -12.27 7.46
N PRO A 283 16.93 -12.51 8.69
CA PRO A 283 16.05 -12.54 9.86
C PRO A 283 15.46 -11.18 10.21
N VAL A 284 16.20 -10.09 10.02
CA VAL A 284 15.65 -8.74 10.19
C VAL A 284 14.46 -8.47 9.25
N SER A 285 14.64 -8.38 7.91
CA SER A 285 13.55 -7.94 7.06
C SER A 285 12.54 -9.08 6.91
N GLY A 286 13.01 -10.34 6.87
CA GLY A 286 12.14 -11.51 6.70
C GLY A 286 11.14 -11.72 7.85
N LEU A 287 11.61 -11.86 9.11
CA LEU A 287 10.70 -11.93 10.25
C LEU A 287 9.85 -10.68 10.42
N ALA A 288 10.39 -9.47 10.17
CA ALA A 288 9.58 -8.28 10.34
C ALA A 288 8.45 -8.33 9.30
N ALA A 289 8.73 -8.81 8.09
CA ALA A 289 7.66 -8.92 7.10
C ALA A 289 6.66 -10.03 7.44
N ILE A 290 7.12 -11.08 8.06
CA ILE A 290 6.16 -12.10 8.44
C ILE A 290 5.20 -11.53 9.51
N ASP A 291 5.72 -10.65 10.39
CA ASP A 291 4.93 -10.03 11.44
C ASP A 291 3.88 -9.05 10.89
N GLU A 292 4.29 -8.29 9.86
CA GLU A 292 3.42 -7.35 9.16
C GLU A 292 2.26 -8.16 8.55
N ALA A 293 2.58 -9.28 7.90
CA ALA A 293 1.59 -10.08 7.20
C ALA A 293 0.66 -10.76 8.19
N GLY A 294 1.29 -11.35 9.21
CA GLY A 294 0.57 -11.89 10.36
C GLY A 294 -0.41 -10.88 10.95
N ALA A 295 0.06 -9.64 11.19
CA ALA A 295 -0.86 -8.67 11.80
C ALA A 295 -2.04 -8.38 10.84
N TRP A 296 -1.82 -8.37 9.50
CA TRP A 296 -2.93 -8.02 8.64
C TRP A 296 -3.91 -9.21 8.61
N ILE A 297 -3.40 -10.44 8.48
CA ILE A 297 -4.20 -11.66 8.48
C ILE A 297 -5.10 -11.72 9.73
N SER A 298 -4.50 -11.49 10.89
CA SER A 298 -5.20 -11.40 12.16
C SER A 298 -6.28 -10.31 12.14
N ARG A 299 -5.93 -9.05 11.81
CA ARG A 299 -6.92 -7.98 11.76
C ARG A 299 -8.06 -8.43 10.83
N GLN A 300 -7.72 -9.02 9.68
CA GLN A 300 -8.69 -9.32 8.66
C GLN A 300 -9.69 -10.39 9.11
N LEU A 301 -9.23 -11.32 9.95
CA LEU A 301 -10.13 -12.35 10.44
C LEU A 301 -10.67 -12.00 11.84
N GLY A 302 -10.70 -10.72 12.23
CA GLY A 302 -11.78 -10.23 13.09
C GLY A 302 -11.47 -10.14 14.59
N MET B 1 -20.02 0.42 14.44
CA MET B 1 -19.76 -0.70 15.43
C MET B 1 -19.48 -1.98 14.65
N ASN B 2 -18.79 -2.93 15.31
CA ASN B 2 -18.68 -4.34 14.94
C ASN B 2 -17.90 -4.53 13.64
N GLY B 3 -16.97 -3.60 13.34
CA GLY B 3 -16.21 -3.58 12.09
C GLY B 3 -16.76 -2.57 11.06
N ASN B 4 -17.99 -2.04 11.26
CA ASN B 4 -18.67 -1.26 10.22
C ASN B 4 -18.64 0.23 10.50
N ASP B 5 -18.78 1.02 9.41
CA ASP B 5 -18.86 2.45 9.66
C ASP B 5 -20.33 2.85 9.61
N PRO B 6 -21.02 3.15 10.74
CA PRO B 6 -22.45 3.46 10.69
C PRO B 6 -22.75 4.86 10.13
N ASP B 7 -21.72 5.67 9.82
CA ASP B 7 -21.94 7.07 9.44
C ASP B 7 -21.60 7.34 7.97
N ILE B 8 -20.83 6.46 7.28
CA ILE B 8 -20.37 6.79 5.94
C ILE B 8 -21.57 6.91 4.99
N ALA B 9 -22.54 5.98 5.08
CA ALA B 9 -23.72 6.02 4.21
C ALA B 9 -24.40 7.40 4.32
N GLY B 10 -24.70 7.84 5.56
CA GLY B 10 -25.31 9.13 5.82
C GLY B 10 -24.44 10.31 5.37
N PHE B 11 -23.11 10.20 5.56
CA PHE B 11 -22.22 11.31 5.26
C PHE B 11 -22.10 11.47 3.75
N LYS B 12 -22.12 10.33 3.03
CA LYS B 12 -22.06 10.35 1.58
C LYS B 12 -23.24 11.07 0.98
N GLN B 13 -24.47 10.81 1.49
CA GLN B 13 -25.71 11.48 1.06
C GLN B 13 -25.61 12.97 1.36
N GLN B 14 -25.09 13.34 2.52
CA GLN B 14 -24.92 14.77 2.78
C GLN B 14 -24.00 15.38 1.73
N LEU B 15 -22.90 14.67 1.37
CA LEU B 15 -21.96 15.17 0.37
C LEU B 15 -22.59 15.28 -1.02
N VAL B 16 -23.55 14.39 -1.36
CA VAL B 16 -24.17 14.36 -2.68
C VAL B 16 -24.94 15.65 -2.91
N GLN B 17 -25.78 15.98 -1.92
CA GLN B 17 -26.60 17.17 -1.90
C GLN B 17 -25.76 18.44 -1.80
N MET B 18 -24.70 18.40 -1.01
CA MET B 18 -23.74 19.50 -0.90
C MET B 18 -23.11 19.85 -2.25
N THR B 19 -22.53 18.85 -2.95
CA THR B 19 -21.92 18.92 -4.28
C THR B 19 -22.91 19.42 -5.33
N ALA B 20 -24.17 18.90 -5.35
CA ALA B 20 -25.27 19.31 -6.22
C ALA B 20 -25.57 20.80 -6.09
N MET B 21 -25.60 21.32 -4.85
CA MET B 21 -25.72 22.73 -4.54
C MET B 21 -24.54 23.52 -5.10
N ARG B 22 -23.29 23.18 -4.77
CA ARG B 22 -22.14 23.93 -5.23
C ARG B 22 -21.93 23.83 -6.75
N GLU B 23 -22.47 22.77 -7.42
CA GLU B 23 -22.31 22.58 -8.86
C GLU B 23 -23.24 23.55 -9.58
N SER B 24 -24.49 23.62 -9.09
CA SER B 24 -25.53 24.53 -9.58
C SER B 24 -25.24 26.00 -9.28
N GLN B 25 -24.48 26.31 -8.22
CA GLN B 25 -24.32 27.68 -7.76
C GLN B 25 -22.88 27.93 -7.27
N PRO B 26 -21.90 28.19 -8.18
CA PRO B 26 -20.47 28.19 -7.81
C PRO B 26 -20.07 29.35 -6.90
N PRO B 27 -19.85 29.14 -5.56
CA PRO B 27 -19.83 30.24 -4.57
C PRO B 27 -18.53 31.07 -4.53
N SER B 28 -18.53 32.16 -3.76
CA SER B 28 -17.39 33.07 -3.68
C SER B 28 -16.20 32.37 -3.03
N ILE B 29 -14.97 32.73 -3.44
CA ILE B 29 -13.78 32.17 -2.79
C ILE B 29 -13.72 32.66 -1.34
N GLU B 30 -13.84 34.00 -1.15
CA GLU B 30 -13.64 34.67 0.14
C GLU B 30 -14.71 34.17 1.12
N ILE B 31 -15.89 33.84 0.57
CA ILE B 31 -17.01 33.31 1.33
C ILE B 31 -16.74 31.87 1.74
N GLU B 32 -16.20 31.04 0.83
CA GLU B 32 -16.00 29.64 1.13
C GLU B 32 -14.84 29.44 2.11
N ARG B 33 -13.86 30.36 2.12
CA ARG B 33 -12.79 30.34 3.09
C ARG B 33 -13.33 30.52 4.50
N GLN B 34 -14.31 31.43 4.66
CA GLN B 34 -14.82 31.77 5.97
C GLN B 34 -15.64 30.60 6.50
N MET B 35 -16.52 30.09 5.63
CA MET B 35 -17.42 28.99 5.96
C MET B 35 -16.65 27.70 6.31
N PHE B 36 -15.50 27.51 5.64
CA PHE B 36 -14.61 26.39 5.85
C PHE B 36 -13.90 26.55 7.19
N ASP B 37 -13.38 27.76 7.45
CA ASP B 37 -12.76 28.10 8.73
C ASP B 37 -13.77 27.91 9.86
N ALA B 38 -15.04 28.30 9.63
CA ALA B 38 -16.05 28.39 10.68
C ALA B 38 -16.45 26.99 11.14
N GLN B 39 -16.62 26.08 10.15
CA GLN B 39 -17.04 24.72 10.44
C GLN B 39 -15.92 23.94 11.11
N HIS B 40 -14.70 24.06 10.56
CA HIS B 40 -13.58 23.21 10.96
C HIS B 40 -12.91 23.77 12.20
N GLY B 41 -12.84 25.11 12.31
CA GLY B 41 -12.36 25.81 13.50
C GLY B 41 -13.23 25.51 14.72
N ALA B 42 -14.44 25.00 14.51
CA ALA B 42 -15.32 24.73 15.63
C ALA B 42 -15.10 23.32 16.16
N VAL B 43 -14.38 22.47 15.38
CA VAL B 43 -14.11 21.11 15.82
C VAL B 43 -13.06 21.16 16.93
N PRO B 44 -13.37 20.60 18.14
CA PRO B 44 -12.38 20.56 19.22
C PRO B 44 -11.05 19.93 18.79
N PRO B 45 -9.91 20.55 19.18
CA PRO B 45 -8.59 19.96 18.91
C PRO B 45 -8.45 18.69 19.75
N ALA B 46 -7.43 17.89 19.42
CA ALA B 46 -7.09 16.72 20.21
C ALA B 46 -6.89 17.17 21.66
N GLU B 47 -7.36 16.34 22.59
CA GLU B 47 -7.27 16.62 24.03
C GLU B 47 -5.79 16.65 24.43
N GLY B 48 -5.40 17.56 25.29
CA GLY B 48 -4.09 17.54 25.94
C GLY B 48 -2.95 18.07 25.08
N CYS B 49 -3.18 19.11 24.25
CA CYS B 49 -2.13 19.61 23.38
C CYS B 49 -1.92 21.08 23.68
N LEU B 50 -0.69 21.61 23.53
CA LEU B 50 -0.42 23.03 23.64
C LEU B 50 -0.18 23.57 22.25
N ILE B 51 -0.87 24.67 21.93
CA ILE B 51 -0.81 25.24 20.59
C ILE B 51 -0.22 26.65 20.68
N GLU B 52 0.88 26.92 19.95
CA GLU B 52 1.44 28.27 19.90
C GLU B 52 1.39 28.75 18.46
N PRO B 53 0.88 29.98 18.21
CA PRO B 53 0.93 30.59 16.88
C PRO B 53 2.37 30.83 16.39
N ILE B 54 2.56 30.86 15.07
CA ILE B 54 3.84 31.27 14.48
C ILE B 54 3.57 32.35 13.43
N SER B 55 4.36 33.46 13.50
CA SER B 55 4.28 34.55 12.51
C SER B 55 5.59 35.36 12.41
N THR B 56 6.59 34.83 11.71
CA THR B 56 7.87 35.52 11.58
C THR B 56 8.55 35.08 10.31
N GLY B 57 9.19 36.03 9.63
CA GLY B 57 9.84 35.88 8.33
C GLY B 57 8.91 35.26 7.28
N GLY B 58 7.65 35.75 7.21
CA GLY B 58 6.64 35.25 6.29
C GLY B 58 6.21 33.79 6.51
N VAL B 59 6.79 33.11 7.52
CA VAL B 59 6.34 31.78 7.92
C VAL B 59 5.27 31.94 8.98
N ARG B 60 4.13 31.29 8.77
CA ARG B 60 2.90 31.42 9.56
C ARG B 60 2.29 30.04 9.80
N GLY B 61 1.87 29.78 11.04
CA GLY B 61 1.15 28.57 11.39
C GLY B 61 1.08 28.44 12.90
N GLU B 62 1.35 27.22 13.39
CA GLU B 62 1.03 26.78 14.74
C GLU B 62 1.96 25.63 15.08
N ARG B 63 2.56 25.69 16.28
CA ARG B 63 3.19 24.53 16.85
C ARG B 63 2.19 23.84 17.77
N ILE B 64 1.92 22.58 17.44
CA ILE B 64 1.07 21.78 18.31
C ILE B 64 1.98 20.81 19.06
N THR B 65 1.97 20.93 20.40
CA THR B 65 2.67 19.96 21.23
C THR B 65 1.65 19.14 22.03
N PRO B 66 1.42 17.87 21.65
CA PRO B 66 0.80 16.90 22.55
C PRO B 66 1.70 16.78 23.79
N LYS B 67 1.08 16.85 24.95
CA LYS B 67 1.82 16.81 26.20
C LYS B 67 2.60 15.50 26.34
N SER B 68 2.22 14.41 25.65
CA SER B 68 2.93 13.13 25.78
C SER B 68 3.99 13.01 24.71
N ALA B 69 4.10 14.00 23.82
CA ALA B 69 4.88 13.81 22.61
C ALA B 69 6.37 13.90 22.93
N ASP B 70 7.16 13.41 21.97
CA ASP B 70 8.59 13.61 21.94
C ASP B 70 8.85 14.92 21.19
N THR B 71 9.43 15.90 21.90
CA THR B 71 9.62 17.27 21.41
C THR B 71 10.81 17.41 20.46
N SER B 72 11.56 16.33 20.30
CA SER B 72 12.67 16.30 19.36
C SER B 72 12.22 15.78 17.98
N LYS B 73 10.93 15.40 17.82
CA LYS B 73 10.41 14.83 16.58
C LYS B 73 9.22 15.67 16.10
N ALA B 74 9.10 15.81 14.77
CA ALA B 74 8.22 16.84 14.21
C ALA B 74 7.52 16.34 12.96
N LEU B 75 6.23 16.67 12.91
CA LEU B 75 5.41 16.47 11.71
C LEU B 75 5.12 17.86 11.14
N ILE B 76 5.46 18.07 9.86
CA ILE B 76 5.10 19.32 9.19
C ILE B 76 3.95 19.00 8.24
N TYR B 77 2.78 19.57 8.56
CA TYR B 77 1.55 19.29 7.83
C TYR B 77 1.08 20.54 7.08
N PHE B 78 0.69 20.34 5.81
CA PHE B 78 0.09 21.43 5.05
C PHE B 78 -1.35 21.08 4.76
N HIS B 79 -2.28 21.90 5.25
CA HIS B 79 -3.68 21.72 4.93
C HIS B 79 -3.89 21.61 3.42
N GLY B 80 -4.99 20.94 3.03
CA GLY B 80 -5.48 21.01 1.65
C GLY B 80 -6.55 22.09 1.52
N GLY B 81 -7.38 22.00 0.47
CA GLY B 81 -8.30 23.10 0.20
C GLY B 81 -8.20 23.61 -1.24
N GLY B 82 -7.68 22.74 -2.12
CA GLY B 82 -7.64 22.98 -3.54
C GLY B 82 -6.68 24.12 -3.88
N HIS B 83 -5.75 24.48 -2.99
CA HIS B 83 -4.94 25.70 -3.06
C HIS B 83 -5.80 26.98 -3.14
N LEU B 84 -7.08 26.89 -2.77
CA LEU B 84 -8.00 28.01 -2.74
C LEU B 84 -8.33 28.36 -1.30
N PHE B 85 -8.49 27.37 -0.45
CA PHE B 85 -8.91 27.68 0.91
C PHE B 85 -8.20 26.76 1.93
N GLY B 86 -8.71 26.73 3.17
CA GLY B 86 -8.11 25.99 4.27
C GLY B 86 -7.08 26.88 5.00
N SER B 87 -6.76 26.53 6.22
CA SER B 87 -5.82 27.27 7.05
C SER B 87 -5.39 26.32 8.15
N ALA B 88 -4.35 26.73 8.90
CA ALA B 88 -4.02 26.15 10.19
C ALA B 88 -5.28 25.98 11.04
N LEU B 89 -6.04 27.07 11.21
CA LEU B 89 -7.22 27.04 12.05
C LEU B 89 -8.09 25.86 11.63
N SER B 90 -8.38 25.73 10.32
CA SER B 90 -9.35 24.74 9.88
C SER B 90 -8.83 23.30 10.12
N HIS B 91 -7.50 23.11 10.09
CA HIS B 91 -6.93 21.76 10.06
C HIS B 91 -6.38 21.33 11.41
N ARG B 92 -6.41 22.29 12.34
CA ARG B 92 -5.97 22.11 13.70
C ARG B 92 -6.54 20.81 14.24
N HIS B 93 -7.86 20.61 14.10
CA HIS B 93 -8.53 19.46 14.67
C HIS B 93 -7.95 18.12 14.17
N LEU B 94 -7.49 18.09 12.91
CA LEU B 94 -6.95 16.89 12.31
C LEU B 94 -5.49 16.78 12.69
N VAL B 95 -4.72 17.86 12.55
CA VAL B 95 -3.25 17.79 12.71
C VAL B 95 -2.92 17.54 14.18
N SER B 96 -3.76 18.09 15.09
CA SER B 96 -3.58 17.85 16.50
C SER B 96 -3.76 16.36 16.82
N ARG B 97 -4.83 15.77 16.28
CA ARG B 97 -5.12 14.35 16.45
C ARG B 97 -4.03 13.47 15.87
N LEU B 98 -3.49 13.85 14.71
CA LEU B 98 -2.40 13.12 14.07
C LEU B 98 -1.16 13.22 14.99
N ALA B 99 -0.87 14.42 15.51
CA ALA B 99 0.28 14.62 16.39
C ALA B 99 0.17 13.78 17.67
N ALA B 100 -1.01 13.87 18.32
CA ALA B 100 -1.30 13.14 19.55
C ALA B 100 -1.17 11.64 19.29
N ALA B 101 -1.64 11.14 18.13
CA ALA B 101 -1.54 9.72 17.81
C ALA B 101 -0.08 9.35 17.55
N ALA B 102 0.66 10.25 16.89
CA ALA B 102 2.05 9.93 16.56
C ALA B 102 3.01 10.14 17.73
N GLY B 103 2.58 10.88 18.78
CA GLY B 103 3.50 11.21 19.85
C GLY B 103 4.65 12.14 19.42
N VAL B 104 4.34 13.07 18.49
CA VAL B 104 5.33 14.04 18.00
C VAL B 104 4.71 15.43 18.05
N VAL B 105 5.57 16.45 17.96
CA VAL B 105 5.20 17.84 17.76
C VAL B 105 4.73 18.00 16.29
N ALA B 106 3.67 18.78 16.10
CA ALA B 106 3.21 19.14 14.74
C ALA B 106 3.52 20.61 14.44
N TYR B 107 4.06 20.85 13.24
CA TYR B 107 4.00 22.19 12.63
C TYR B 107 2.86 22.27 11.64
N ASN B 108 1.78 22.93 12.08
CA ASN B 108 0.58 23.10 11.28
C ASN B 108 0.68 24.42 10.50
N MET B 109 1.16 24.35 9.25
CA MET B 109 1.72 25.51 8.56
C MET B 109 0.78 26.05 7.48
N GLU B 110 0.71 27.40 7.36
CA GLU B 110 -0.08 28.11 6.36
C GLU B 110 0.77 28.18 5.10
N TYR B 111 0.15 28.56 3.98
CA TYR B 111 0.90 28.89 2.79
C TYR B 111 -0.03 29.73 1.96
N ARG B 112 0.53 30.58 1.09
CA ARG B 112 -0.31 31.49 0.31
C ARG B 112 -1.14 30.73 -0.72
N LEU B 113 -2.32 31.30 -0.96
CA LEU B 113 -3.33 30.59 -1.72
C LEU B 113 -3.59 31.36 -3.02
N ALA B 114 -4.03 30.61 -4.05
CA ALA B 114 -4.60 31.10 -5.30
C ALA B 114 -6.04 31.54 -5.04
N PRO B 115 -6.67 32.43 -5.90
CA PRO B 115 -6.02 33.01 -7.10
C PRO B 115 -5.06 34.18 -6.82
N GLU B 116 -5.13 34.79 -5.62
CA GLU B 116 -4.28 35.91 -5.23
C GLU B 116 -2.81 35.55 -5.39
N ASN B 117 -2.40 34.34 -4.97
CA ASN B 117 -0.98 33.96 -5.04
C ASN B 117 -0.89 32.61 -5.72
N PRO B 118 -0.74 32.61 -7.07
CA PRO B 118 -0.65 31.39 -7.87
C PRO B 118 0.70 30.74 -7.65
N TYR B 119 0.90 29.54 -8.23
CA TYR B 119 2.19 28.87 -8.24
C TYR B 119 3.25 29.88 -8.68
N PRO B 120 4.48 29.97 -8.11
CA PRO B 120 4.94 29.06 -7.05
C PRO B 120 4.82 29.58 -5.63
N ALA B 121 3.88 30.51 -5.35
CA ALA B 121 3.86 31.17 -4.03
C ALA B 121 3.73 30.18 -2.87
N GLY B 122 2.75 29.26 -2.96
CA GLY B 122 2.53 28.23 -1.94
C GLY B 122 3.75 27.35 -1.64
N LEU B 123 4.41 26.91 -2.73
CA LEU B 123 5.55 26.03 -2.64
C LEU B 123 6.75 26.73 -2.03
N ASP B 124 6.95 28.03 -2.35
CA ASP B 124 7.99 28.87 -1.74
C ASP B 124 7.76 28.90 -0.24
N ASP B 125 6.48 29.09 0.17
CA ASP B 125 6.04 29.04 1.56
C ASP B 125 6.36 27.70 2.20
N ALA B 126 6.05 26.59 1.51
CA ALA B 126 6.24 25.27 2.08
C ALA B 126 7.73 25.03 2.33
N GLU B 127 8.57 25.46 1.39
CA GLU B 127 10.01 25.34 1.59
C GLU B 127 10.50 26.18 2.75
N GLN B 128 10.02 27.43 2.85
CA GLN B 128 10.23 28.35 3.97
C GLN B 128 9.82 27.67 5.27
N ALA B 129 8.65 26.98 5.24
CA ALA B 129 8.11 26.36 6.44
C ALA B 129 9.07 25.28 6.91
N TYR B 130 9.63 24.54 5.94
CA TYR B 130 10.53 23.43 6.15
C TYR B 130 11.83 23.95 6.77
N ARG B 131 12.36 25.03 6.18
CA ARG B 131 13.59 25.64 6.66
C ARG B 131 13.37 26.14 8.09
N PHE B 132 12.20 26.68 8.37
CA PHE B 132 11.87 27.25 9.67
C PHE B 132 11.97 26.16 10.73
N VAL B 133 11.44 24.97 10.39
CA VAL B 133 11.42 23.84 11.31
C VAL B 133 12.84 23.35 11.55
N LEU B 134 13.63 23.11 10.48
CA LEU B 134 15.04 22.77 10.60
C LEU B 134 15.75 23.74 11.55
N ALA B 135 15.47 25.05 11.36
CA ALA B 135 16.02 26.12 12.19
C ALA B 135 15.58 26.04 13.65
N GLN B 136 14.50 25.31 13.98
CA GLN B 136 14.17 25.09 15.39
C GLN B 136 15.05 23.99 15.99
N GLY B 137 16.02 23.51 15.21
CA GLY B 137 16.95 22.50 15.67
C GLY B 137 16.39 21.09 15.55
N PHE B 138 15.43 20.84 14.65
CA PHE B 138 15.09 19.48 14.22
C PHE B 138 15.99 19.06 13.05
N LYS B 139 16.59 17.86 13.08
CA LYS B 139 17.38 17.36 11.96
C LYS B 139 16.40 16.80 10.92
N PRO B 140 16.79 16.65 9.62
CA PRO B 140 15.89 16.07 8.62
C PRO B 140 15.24 14.73 8.99
N GLU B 141 15.98 13.81 9.63
CA GLU B 141 15.50 12.46 9.99
C GLU B 141 14.59 12.50 11.21
N ASP B 142 14.32 13.70 11.74
CA ASP B 142 13.32 13.94 12.79
C ASP B 142 12.04 14.60 12.27
N ILE B 143 11.91 14.69 10.93
CA ILE B 143 10.77 15.29 10.25
C ILE B 143 10.05 14.30 9.31
N ILE B 144 8.72 14.22 9.50
CA ILE B 144 7.82 13.77 8.46
C ILE B 144 7.14 14.98 7.88
N VAL B 145 7.05 15.01 6.56
CA VAL B 145 6.35 16.05 5.85
C VAL B 145 4.99 15.46 5.42
N ALA B 146 3.92 16.26 5.41
CA ALA B 146 2.59 15.69 5.24
C ALA B 146 1.60 16.74 4.70
N GLY B 147 0.45 16.30 4.20
CA GLY B 147 -0.67 17.16 3.84
C GLY B 147 -1.72 16.34 3.10
N GLU B 148 -2.97 16.81 3.08
CA GLU B 148 -3.99 16.13 2.28
C GLU B 148 -4.36 16.96 1.03
N SER B 149 -4.89 16.29 0.00
CA SER B 149 -5.20 16.90 -1.29
C SER B 149 -4.10 17.90 -1.71
N ALA B 150 -4.44 19.20 -1.78
CA ALA B 150 -3.53 20.29 -2.16
C ALA B 150 -2.29 20.38 -1.27
N GLY B 151 -2.49 20.09 0.03
CA GLY B 151 -1.42 19.99 1.01
C GLY B 151 -0.46 18.86 0.67
N GLY B 152 -1.06 17.72 0.22
CA GLY B 152 -0.35 16.58 -0.30
C GLY B 152 0.44 16.97 -1.53
N ASN B 153 -0.18 17.83 -2.37
CA ASN B 153 0.47 18.41 -3.54
C ASN B 153 1.76 19.13 -3.12
N LEU B 154 1.62 20.04 -2.13
CA LEU B 154 2.77 20.80 -1.66
C LEU B 154 3.82 19.91 -1.00
N ALA B 155 3.38 19.01 -0.09
CA ALA B 155 4.27 18.09 0.60
C ALA B 155 5.18 17.38 -0.40
N ALA B 156 4.59 16.81 -1.47
CA ALA B 156 5.28 15.96 -2.43
C ALA B 156 6.17 16.83 -3.33
N ALA B 157 5.68 18.01 -3.72
CA ALA B 157 6.51 18.97 -4.46
C ALA B 157 7.70 19.46 -3.62
N LEU B 158 7.49 19.66 -2.31
CA LEU B 158 8.57 20.07 -1.43
C LEU B 158 9.74 19.11 -1.53
N LEU B 159 9.43 17.79 -1.56
CA LEU B 159 10.45 16.75 -1.60
C LEU B 159 11.25 16.93 -2.87
N LEU B 160 10.53 17.20 -3.98
CA LEU B 160 11.18 17.45 -5.27
C LEU B 160 12.06 18.70 -5.23
N LYS B 161 11.59 19.74 -4.52
CA LYS B 161 12.35 20.99 -4.39
C LYS B 161 13.62 20.76 -3.58
N LEU B 162 13.51 19.95 -2.52
CA LEU B 162 14.63 19.56 -1.70
C LEU B 162 15.66 18.76 -2.50
N ARG B 163 15.17 17.91 -3.42
CA ARG B 163 16.07 17.11 -4.24
C ARG B 163 16.84 18.04 -5.19
N ASP B 164 16.13 18.97 -5.86
CA ASP B 164 16.71 19.94 -6.80
C ASP B 164 17.81 20.72 -6.12
N GLN B 165 17.56 21.23 -4.91
CA GLN B 165 18.54 22.00 -4.16
C GLN B 165 19.51 21.13 -3.39
N ASP B 166 19.67 19.87 -3.83
CA ASP B 166 20.64 18.89 -3.37
C ASP B 166 20.69 18.80 -1.84
N LEU B 167 19.52 18.96 -1.20
CA LEU B 167 19.35 18.98 0.25
C LEU B 167 18.92 17.59 0.76
N PRO B 168 19.39 17.17 1.99
CA PRO B 168 18.73 16.11 2.77
C PRO B 168 17.21 16.16 2.82
N GLN B 169 16.66 14.97 2.55
CA GLN B 169 15.23 14.64 2.61
C GLN B 169 14.79 14.47 4.06
N PRO B 170 13.52 14.77 4.40
CA PRO B 170 13.02 14.39 5.72
C PRO B 170 12.95 12.84 5.88
N ALA B 171 12.50 12.32 7.03
CA ALA B 171 12.50 10.88 7.26
C ALA B 171 11.40 10.20 6.45
N GLY B 172 10.40 10.99 6.03
CA GLY B 172 9.36 10.38 5.23
C GLY B 172 8.32 11.43 4.84
N ALA B 173 7.36 10.99 4.01
CA ALA B 173 6.21 11.85 3.80
C ALA B 173 4.94 11.00 3.94
N TYR B 174 3.95 11.59 4.65
CA TYR B 174 2.60 11.04 4.78
C TYR B 174 1.65 11.84 3.88
N LEU B 175 1.09 11.18 2.83
CA LEU B 175 0.15 11.84 1.93
C LEU B 175 -1.24 11.23 2.06
N LEU B 176 -2.24 12.09 2.35
CA LEU B 176 -3.64 11.71 2.48
C LEU B 176 -4.41 12.23 1.26
N SER B 177 -5.05 11.33 0.46
CA SER B 177 -5.74 11.73 -0.77
C SER B 177 -4.99 12.84 -1.53
N PRO B 178 -3.66 12.72 -1.79
CA PRO B 178 -2.94 13.83 -2.39
C PRO B 178 -3.43 14.05 -3.82
N TRP B 179 -3.35 15.31 -4.22
CA TRP B 179 -3.67 15.71 -5.59
C TRP B 179 -2.34 15.95 -6.28
N LEU B 180 -1.97 15.01 -7.17
CA LEU B 180 -0.59 14.93 -7.61
C LEU B 180 -0.53 15.11 -9.12
N ASP B 181 -1.69 15.05 -9.74
CA ASP B 181 -1.75 15.36 -11.17
C ASP B 181 -2.74 16.48 -11.41
N MET B 182 -2.22 17.68 -11.70
CA MET B 182 -3.08 18.85 -11.88
C MET B 182 -3.56 18.99 -13.33
N SER B 183 -3.44 17.94 -14.12
CA SER B 183 -4.16 17.82 -15.39
C SER B 183 -5.44 16.98 -15.29
N GLN B 184 -5.78 16.45 -14.10
CA GLN B 184 -6.97 15.60 -13.91
C GLN B 184 -7.00 14.43 -14.88
N SER B 185 -5.93 13.62 -14.82
CA SER B 185 -5.90 12.41 -15.60
C SER B 185 -5.90 11.20 -14.63
N GLY B 186 -6.54 10.14 -15.11
CA GLY B 186 -6.43 8.87 -14.44
C GLY B 186 -7.73 8.10 -14.67
N ALA B 187 -7.56 6.78 -14.71
CA ALA B 187 -8.69 5.87 -14.83
C ALA B 187 -9.76 6.16 -13.79
N SER B 188 -9.36 6.71 -12.62
CA SER B 188 -10.26 6.83 -11.47
C SER B 188 -11.37 7.90 -11.66
N TYR B 189 -11.13 8.94 -12.46
CA TYR B 189 -12.17 9.92 -12.80
C TYR B 189 -13.43 9.24 -13.37
N GLU B 190 -13.21 8.30 -14.25
CA GLU B 190 -14.33 7.57 -14.82
C GLU B 190 -14.74 6.44 -13.89
N ALA B 191 -13.75 5.68 -13.40
CA ALA B 191 -14.00 4.45 -12.68
C ALA B 191 -14.55 4.81 -11.29
N ARG B 192 -14.05 5.89 -10.67
CA ARG B 192 -14.48 6.15 -9.28
C ARG B 192 -15.49 7.30 -9.19
N GLY B 193 -15.60 8.08 -10.28
CA GLY B 193 -16.36 9.33 -10.31
C GLY B 193 -17.80 9.16 -9.87
N PRO B 194 -18.58 8.14 -10.34
CA PRO B 194 -19.91 7.87 -9.79
C PRO B 194 -19.90 7.55 -8.31
N HIS B 195 -18.75 7.21 -7.71
CA HIS B 195 -18.74 6.81 -6.30
C HIS B 195 -18.16 7.92 -5.43
N ASP B 196 -17.60 8.97 -6.08
CA ASP B 196 -16.99 10.10 -5.40
C ASP B 196 -18.08 11.14 -5.20
N PRO B 197 -18.64 11.32 -3.99
CA PRO B 197 -19.65 12.36 -3.79
C PRO B 197 -19.05 13.73 -3.54
N MET B 198 -17.73 13.88 -3.46
CA MET B 198 -17.21 15.09 -2.83
C MET B 198 -16.40 15.87 -3.84
N ILE B 199 -15.59 15.15 -4.65
CA ILE B 199 -14.63 15.74 -5.56
C ILE B 199 -15.07 15.44 -6.99
N THR B 200 -15.30 16.52 -7.78
CA THR B 200 -15.57 16.37 -9.22
C THR B 200 -14.35 16.73 -10.06
N HIS B 201 -14.22 16.10 -11.24
CA HIS B 201 -13.36 16.52 -12.35
C HIS B 201 -13.44 18.04 -12.64
N ASN B 202 -14.65 18.57 -12.73
CA ASN B 202 -14.85 19.98 -13.01
C ASN B 202 -14.25 20.85 -11.90
N ALA B 203 -14.47 20.52 -10.61
CA ALA B 203 -13.97 21.36 -9.53
C ALA B 203 -12.44 21.42 -9.57
N LEU B 204 -11.79 20.25 -9.75
CA LEU B 204 -10.35 20.20 -9.79
C LEU B 204 -9.83 21.00 -11.00
N THR B 205 -10.53 20.89 -12.13
CA THR B 205 -10.10 21.59 -13.34
C THR B 205 -9.98 23.08 -13.04
N GLY B 206 -11.00 23.61 -12.35
CA GLY B 206 -11.06 24.98 -11.88
C GLY B 206 -9.98 25.28 -10.86
N CYS B 207 -9.77 24.33 -9.92
CA CYS B 207 -8.81 24.67 -8.90
C CYS B 207 -7.44 24.71 -9.55
N SER B 208 -7.19 23.78 -10.49
CA SER B 208 -5.94 23.71 -11.23
C SER B 208 -5.65 24.99 -12.02
N ALA B 209 -6.67 25.51 -12.71
CA ALA B 209 -6.47 26.74 -13.49
C ALA B 209 -6.03 27.87 -12.58
N ALA B 210 -6.72 28.01 -11.44
CA ALA B 210 -6.44 29.14 -10.58
C ALA B 210 -5.03 29.00 -9.97
N TYR B 211 -4.58 27.77 -9.73
CA TYR B 211 -3.30 27.60 -9.07
C TYR B 211 -2.17 27.86 -10.05
N ARG B 212 -2.33 27.31 -11.27
CA ARG B 212 -1.30 27.37 -12.28
C ARG B 212 -1.10 28.78 -12.84
N ALA B 213 -2.19 29.56 -12.95
CA ALA B 213 -2.20 30.83 -13.68
C ALA B 213 -1.34 30.75 -14.94
N GLY B 214 -1.70 29.81 -15.83
CA GLY B 214 -1.06 29.67 -17.14
C GLY B 214 0.14 28.73 -17.11
N ALA B 215 0.68 28.38 -15.93
CA ALA B 215 1.75 27.40 -15.84
C ALA B 215 1.29 26.02 -16.34
N SER B 216 2.21 25.23 -16.88
CA SER B 216 1.81 23.96 -17.45
C SER B 216 1.53 22.88 -16.38
N ALA B 217 0.47 22.09 -16.61
CA ALA B 217 0.07 20.97 -15.78
C ALA B 217 1.14 19.86 -15.81
N GLU B 218 1.91 19.83 -16.89
CA GLU B 218 2.98 18.87 -17.14
C GLU B 218 4.18 19.14 -16.22
N ASP B 219 4.25 20.32 -15.59
CA ASP B 219 5.46 20.60 -14.83
C ASP B 219 5.47 19.70 -13.59
N PRO B 220 6.55 18.92 -13.35
CA PRO B 220 6.58 18.00 -12.20
C PRO B 220 6.34 18.67 -10.83
N LEU B 221 6.76 19.95 -10.69
CA LEU B 221 6.67 20.68 -9.42
C LEU B 221 5.23 21.07 -9.16
N ILE B 222 4.40 21.03 -10.22
CA ILE B 222 2.98 21.30 -10.15
C ILE B 222 2.24 19.97 -10.03
N SER B 223 2.71 18.97 -10.78
CA SER B 223 2.10 17.66 -10.90
C SER B 223 3.13 16.61 -10.50
N PRO B 224 3.40 16.39 -9.16
CA PRO B 224 4.40 15.41 -8.73
C PRO B 224 4.30 13.98 -9.26
N ALA B 225 3.09 13.57 -9.72
CA ALA B 225 2.89 12.23 -10.30
C ALA B 225 3.46 12.17 -11.73
N LYS B 226 4.04 13.31 -12.19
CA LYS B 226 4.75 13.40 -13.43
C LYS B 226 6.25 13.43 -13.18
N ALA B 227 6.71 13.34 -11.91
CA ALA B 227 8.15 13.41 -11.65
C ALA B 227 8.80 12.02 -11.61
N ASP B 228 10.12 12.06 -11.68
CA ASP B 228 10.97 10.93 -11.39
C ASP B 228 11.26 11.03 -9.89
N LEU B 229 11.05 9.91 -9.19
CA LEU B 229 11.02 10.00 -7.73
C LEU B 229 12.33 9.53 -7.07
N ALA B 230 13.41 9.41 -7.85
CA ALA B 230 14.72 8.95 -7.38
C ALA B 230 15.11 9.72 -6.12
N ASP B 231 15.46 9.00 -5.04
CA ASP B 231 16.09 9.59 -3.86
C ASP B 231 15.11 10.27 -2.91
N LEU B 232 13.79 10.22 -3.20
CA LEU B 232 12.83 10.71 -2.21
C LEU B 232 12.84 9.76 -1.01
N PRO B 233 12.25 10.17 0.15
CA PRO B 233 12.25 9.31 1.34
C PRO B 233 11.08 8.32 1.29
N SER B 234 10.92 7.60 2.40
CA SER B 234 9.84 6.65 2.56
C SER B 234 8.51 7.38 2.47
N LEU B 235 7.50 6.66 1.97
CA LEU B 235 6.19 7.23 1.73
C LEU B 235 5.12 6.38 2.42
N PHE B 236 4.18 7.08 3.06
CA PHE B 236 2.93 6.45 3.40
C PHE B 236 1.80 7.26 2.78
N ILE B 237 0.95 6.56 2.00
CA ILE B 237 -0.17 7.19 1.32
C ILE B 237 -1.46 6.47 1.71
N GLN B 238 -2.42 7.30 2.15
CA GLN B 238 -3.76 6.81 2.41
C GLN B 238 -4.64 7.47 1.40
N VAL B 239 -5.53 6.69 0.78
CA VAL B 239 -6.46 7.34 -0.13
C VAL B 239 -7.75 6.50 -0.05
N GLY B 240 -8.91 7.09 -0.38
CA GLY B 240 -10.15 6.33 -0.37
C GLY B 240 -10.40 5.72 -1.75
N ALA B 241 -11.12 4.59 -1.78
CA ALA B 241 -11.39 3.86 -2.98
C ALA B 241 -12.42 4.65 -3.77
N ASP B 242 -13.23 5.48 -3.07
CA ASP B 242 -14.33 6.18 -3.72
C ASP B 242 -13.90 7.62 -3.99
N GLU B 243 -12.82 7.78 -4.74
CA GLU B 243 -12.17 9.07 -4.97
C GLU B 243 -11.70 9.19 -6.44
N VAL B 244 -12.07 10.27 -7.11
CA VAL B 244 -11.52 10.58 -8.43
C VAL B 244 -10.00 10.73 -8.38
N LEU B 245 -9.47 11.15 -7.21
CA LEU B 245 -8.03 11.33 -7.06
C LEU B 245 -7.28 10.03 -6.77
N LEU B 246 -7.96 8.86 -6.76
CA LEU B 246 -7.37 7.55 -6.47
C LEU B 246 -6.18 7.27 -7.40
N SER B 247 -6.38 7.46 -8.71
CA SER B 247 -5.33 7.20 -9.68
C SER B 247 -4.03 7.97 -9.36
N ASP B 248 -4.11 9.21 -8.81
CA ASP B 248 -2.91 9.99 -8.50
C ASP B 248 -2.08 9.30 -7.43
N SER B 249 -2.75 8.77 -6.40
CA SER B 249 -2.10 8.00 -5.37
C SER B 249 -1.45 6.73 -5.91
N VAL B 250 -2.17 5.95 -6.70
CA VAL B 250 -1.61 4.75 -7.27
C VAL B 250 -0.41 5.05 -8.18
N GLU B 251 -0.47 6.11 -8.99
CA GLU B 251 0.63 6.50 -9.86
C GLU B 251 1.86 6.97 -9.07
N PHE B 252 1.64 7.76 -8.03
CA PHE B 252 2.79 8.20 -7.26
C PHE B 252 3.45 6.97 -6.64
N THR B 253 2.61 6.03 -6.16
CA THR B 253 3.07 4.76 -5.62
C THR B 253 3.91 4.02 -6.65
N ARG B 254 3.36 3.85 -7.84
CA ARG B 254 4.06 3.20 -8.94
C ARG B 254 5.46 3.81 -9.12
N ARG B 255 5.52 5.15 -9.16
CA ARG B 255 6.75 5.85 -9.46
C ARG B 255 7.76 5.70 -8.33
N ALA B 256 7.26 5.79 -7.08
CA ALA B 256 8.04 5.62 -5.88
C ALA B 256 8.68 4.25 -5.90
N ALA B 257 7.85 3.24 -6.19
CA ALA B 257 8.30 1.85 -6.23
C ALA B 257 9.39 1.69 -7.30
N LEU B 258 9.16 2.30 -8.45
CA LEU B 258 10.05 2.14 -9.58
C LEU B 258 11.40 2.83 -9.31
N ALA B 259 11.36 3.92 -8.53
CA ALA B 259 12.57 4.58 -8.05
C ALA B 259 13.19 3.82 -6.87
N GLY B 260 12.55 2.74 -6.42
CA GLY B 260 13.16 1.89 -5.39
C GLY B 260 12.81 2.29 -3.94
N LEU B 261 11.89 3.23 -3.75
CA LEU B 261 11.51 3.76 -2.46
C LEU B 261 10.67 2.75 -1.67
N ASP B 262 10.79 2.84 -0.36
CA ASP B 262 9.84 2.20 0.53
C ASP B 262 8.51 2.97 0.44
N VAL B 263 7.45 2.25 0.03
CA VAL B 263 6.18 2.92 -0.13
C VAL B 263 5.06 2.04 0.35
N ARG B 264 4.26 2.60 1.23
CA ARG B 264 3.08 1.96 1.77
C ARG B 264 1.88 2.75 1.25
N LEU B 265 0.95 2.06 0.62
CA LEU B 265 -0.30 2.60 0.09
C LEU B 265 -1.44 1.80 0.68
N HIS B 266 -2.34 2.52 1.36
CA HIS B 266 -3.56 1.93 1.87
C HIS B 266 -4.74 2.57 1.14
N VAL B 267 -5.39 1.76 0.28
CA VAL B 267 -6.67 2.14 -0.30
C VAL B 267 -7.80 1.63 0.59
N TRP B 268 -8.56 2.57 1.19
CA TRP B 268 -9.65 2.22 2.10
C TRP B 268 -10.94 2.08 1.33
N ALA B 269 -11.56 0.88 1.35
CA ALA B 269 -12.88 0.65 0.78
C ALA B 269 -13.87 1.62 1.41
N ASN B 270 -14.79 2.11 0.55
CA ASN B 270 -15.94 2.93 0.92
C ASN B 270 -15.60 4.34 1.34
N MET B 271 -14.30 4.67 1.38
CA MET B 271 -13.93 5.95 1.97
C MET B 271 -13.89 7.04 0.90
N VAL B 272 -14.39 8.21 1.34
CA VAL B 272 -14.48 9.37 0.51
C VAL B 272 -13.21 10.14 0.77
N HIS B 273 -13.03 11.25 0.05
CA HIS B 273 -11.81 12.04 -0.09
C HIS B 273 -11.43 12.63 1.27
N ALA B 274 -10.17 12.45 1.68
CA ALA B 274 -9.62 13.00 2.92
C ALA B 274 -10.54 12.70 4.10
N TRP B 275 -11.06 11.46 4.13
CA TRP B 275 -12.04 11.10 5.13
C TRP B 275 -11.53 11.37 6.55
N PRO B 276 -10.22 11.25 6.90
CA PRO B 276 -9.80 11.57 8.27
C PRO B 276 -10.02 13.03 8.67
N LEU B 277 -9.99 13.94 7.68
CA LEU B 277 -10.32 15.34 7.95
C LEU B 277 -11.77 15.44 8.38
N PHE B 278 -12.59 14.43 8.03
CA PHE B 278 -14.00 14.39 8.38
C PHE B 278 -14.32 13.44 9.53
N HIS B 279 -13.36 13.19 10.43
CA HIS B 279 -13.50 12.35 11.61
C HIS B 279 -14.67 12.78 12.51
N PHE B 280 -15.06 14.06 12.43
CA PHE B 280 -16.16 14.56 13.24
C PHE B 280 -17.47 13.97 12.74
N ALA B 281 -17.53 13.64 11.43
CA ALA B 281 -18.72 13.02 10.86
C ALA B 281 -18.50 11.52 10.75
N LEU B 282 -17.24 11.11 10.68
CA LEU B 282 -16.89 9.73 10.43
C LEU B 282 -15.97 9.24 11.56
N PRO B 283 -16.42 9.14 12.83
CA PRO B 283 -15.54 8.72 13.93
C PRO B 283 -14.94 7.33 13.77
N VAL B 284 -15.65 6.36 13.16
CA VAL B 284 -15.11 5.03 12.99
C VAL B 284 -13.93 5.02 12.02
N SER B 285 -14.15 5.33 10.74
CA SER B 285 -13.10 5.22 9.71
C SER B 285 -12.11 6.36 9.87
N GLY B 286 -12.57 7.54 10.31
CA GLY B 286 -11.72 8.73 10.38
C GLY B 286 -10.67 8.65 11.50
N LEU B 287 -11.11 8.32 12.72
CA LEU B 287 -10.16 8.14 13.82
C LEU B 287 -9.28 6.91 13.56
N ALA B 288 -9.82 5.84 12.97
CA ALA B 288 -9.01 4.66 12.76
C ALA B 288 -7.91 5.01 11.76
N ALA B 289 -8.25 5.81 10.74
CA ALA B 289 -7.20 6.23 9.81
C ALA B 289 -6.21 7.21 10.46
N ILE B 290 -6.68 8.05 11.38
CA ILE B 290 -5.71 8.94 12.03
C ILE B 290 -4.71 8.12 12.83
N ASP B 291 -5.18 7.03 13.45
CA ASP B 291 -4.36 6.15 14.27
C ASP B 291 -3.34 5.38 13.45
N GLU B 292 -3.78 4.87 12.28
CA GLU B 292 -2.94 4.20 11.29
C GLU B 292 -1.79 5.16 10.91
N ALA B 293 -2.14 6.42 10.58
CA ALA B 293 -1.20 7.41 10.07
C ALA B 293 -0.21 7.79 11.17
N GLY B 294 -0.80 8.03 12.36
CA GLY B 294 -0.04 8.28 13.58
C GLY B 294 0.97 7.16 13.87
N ALA B 295 0.52 5.90 13.76
CA ALA B 295 1.40 4.76 14.01
C ALA B 295 2.56 4.78 13.01
N TRP B 296 2.29 5.16 11.73
CA TRP B 296 3.35 5.13 10.72
C TRP B 296 4.34 6.25 11.04
N ILE B 297 3.83 7.47 11.25
CA ILE B 297 4.66 8.62 11.56
C ILE B 297 5.56 8.35 12.77
N SER B 298 5.00 7.82 13.86
CA SER B 298 5.77 7.38 15.01
C SER B 298 6.83 6.33 14.66
N ARG B 299 6.45 5.22 13.98
CA ARG B 299 7.42 4.20 13.62
C ARG B 299 8.51 4.85 12.77
N GLN B 300 8.12 5.74 11.86
CA GLN B 300 9.07 6.40 10.97
C GLN B 300 10.08 7.29 11.70
N LEU B 301 9.66 7.96 12.78
CA LEU B 301 10.61 8.81 13.48
C LEU B 301 11.08 8.13 14.76
N GLY B 302 11.21 6.80 14.79
CA GLY B 302 11.37 6.09 16.05
C GLY B 302 12.80 5.66 16.26
#